data_3A05
#
_entry.id   3A05
#
_cell.length_a   98.212
_cell.length_b   102.919
_cell.length_c   97.645
_cell.angle_alpha   90.00
_cell.angle_beta   90.00
_cell.angle_gamma   90.00
#
_symmetry.space_group_name_H-M   'C 2 2 21'
#
loop_
_entity.id
_entity.type
_entity.pdbx_description
1 polymer 'Tryptophanyl-tRNA synthetase'
2 non-polymer TRYPTOPHAN
3 non-polymer 'IRON/SULFUR CLUSTER'
4 non-polymer 'CADMIUM ION'
5 water water
#
_entity_poly.entity_id   1
_entity_poly.type   'polypeptide(L)'
_entity_poly.pdbx_seq_one_letter_code
;MAAERLDPWGAVEIKDYDRLLRTFGIRPFSEVLPLLRKAGMEPSFLMRRGIIFGHRDFDKILEAKARGERVAVLTGFMPS
GKFHFGHKLTVDQLIYLQKNGFKVFVAIADAEAFAVRRIGREEAVRIAVEEYIANMIALGLDPKDTEFYFQTNRGTPYFR
LIQLFSGKVTAAEMEAIYGELTPAKMMASLTQAADILHVQLDEYGGYRHVVVPVGADQDPHLRLTRDLADRMAGVVELER
PASTYHKLQPGLDGRKMSSSRPDSTIFLTDPPEVARNKLFRALTGGRATAEEQRRLGGVPEVCSVYHMDLYHLMPDDGEV
KHIYTSCRLGKILCGECKQIAWEKLERFLAEHQSRLEKAKTIAWKLVEPPRF
;
_entity_poly.pdbx_strand_id   A
#
# COMPACT_ATOMS: atom_id res chain seq x y z
N LEU A 6 20.12 17.35 -11.53
CA LEU A 6 19.02 16.47 -12.02
C LEU A 6 19.01 15.11 -11.32
N ASP A 7 18.65 15.12 -10.04
CA ASP A 7 18.24 13.88 -9.35
C ASP A 7 16.71 13.87 -9.10
N PRO A 8 15.92 13.49 -10.12
CA PRO A 8 14.46 13.59 -9.97
C PRO A 8 13.87 12.48 -9.07
N TRP A 9 14.54 11.32 -9.05
CA TRP A 9 14.13 10.12 -8.30
C TRP A 9 14.49 10.15 -6.81
N GLY A 10 15.49 10.95 -6.44
CA GLY A 10 15.85 11.17 -5.04
C GLY A 10 16.45 9.96 -4.31
N ALA A 11 17.50 9.39 -4.89
CA ALA A 11 18.27 8.31 -4.23
C ALA A 11 18.86 8.76 -2.89
N VAL A 12 19.29 10.02 -2.83
CA VAL A 12 19.88 10.66 -1.63
C VAL A 12 19.22 10.32 -0.27
N GLU A 13 17.91 10.52 -0.18
CA GLU A 13 17.13 10.28 1.05
C GLU A 13 16.94 8.79 1.34
N ILE A 14 17.12 7.95 0.30
CA ILE A 14 17.09 6.48 0.41
C ILE A 14 18.31 5.93 1.19
N LYS A 15 19.45 5.79 0.52
CA LYS A 15 20.76 5.40 1.10
C LYS A 15 20.94 5.55 2.64
N ASP A 16 20.43 6.67 3.19
CA ASP A 16 20.51 6.98 4.63
C ASP A 16 20.05 5.85 5.57
N TYR A 17 18.76 5.49 5.49
CA TYR A 17 18.16 4.46 6.35
C TYR A 17 18.28 3.07 5.76
N ASP A 18 18.47 3.01 4.45
CA ASP A 18 18.69 1.76 3.74
C ASP A 18 19.90 1.02 4.33
N ARG A 19 20.75 1.78 5.03
CA ARG A 19 21.85 1.23 5.84
C ARG A 19 21.30 0.51 7.07
N LEU A 20 20.45 1.21 7.80
CA LEU A 20 19.90 0.71 9.04
C LEU A 20 18.84 -0.41 8.90
N LEU A 21 18.06 -0.37 7.84
CA LEU A 21 17.11 -1.43 7.56
C LEU A 21 17.77 -2.73 7.13
N ARG A 22 19.01 -2.66 6.60
CA ARG A 22 19.80 -3.85 6.32
C ARG A 22 19.98 -4.73 7.57
N THR A 23 19.92 -4.08 8.73
CA THR A 23 19.99 -4.77 10.03
C THR A 23 18.83 -5.79 10.15
N PHE A 24 17.68 -5.44 9.56
CA PHE A 24 16.50 -6.32 9.56
C PHE A 24 16.44 -7.23 8.35
N GLY A 25 17.51 -7.21 7.59
CA GLY A 25 17.59 -8.08 6.40
C GLY A 25 16.89 -7.48 5.19
N ILE A 26 16.52 -6.21 5.30
CA ILE A 26 15.92 -5.51 4.15
C ILE A 26 17.00 -4.99 3.19
N ARG A 27 16.82 -5.29 1.92
CA ARG A 27 17.85 -5.09 0.89
C ARG A 27 17.39 -4.02 -0.11
N PRO A 28 18.36 -3.38 -0.85
CA PRO A 28 17.86 -2.46 -1.91
C PRO A 28 17.10 -3.24 -2.94
N PHE A 29 16.00 -2.67 -3.40
CA PHE A 29 15.15 -3.33 -4.36
C PHE A 29 15.85 -3.65 -5.65
N SER A 30 16.87 -2.87 -6.02
CA SER A 30 17.57 -3.11 -7.30
C SER A 30 18.23 -4.53 -7.37
N GLU A 31 18.63 -5.07 -6.22
CA GLU A 31 19.20 -6.44 -6.21
C GLU A 31 18.23 -7.45 -6.83
N VAL A 32 16.93 -7.18 -6.93
CA VAL A 32 16.04 -8.14 -7.61
C VAL A 32 15.82 -7.88 -9.08
N LEU A 33 16.40 -6.85 -9.69
CA LEU A 33 16.12 -6.65 -11.14
C LEU A 33 16.38 -7.82 -12.08
N PRO A 34 17.57 -8.48 -11.97
CA PRO A 34 17.84 -9.61 -12.87
C PRO A 34 16.82 -10.72 -12.66
N LEU A 35 16.39 -10.95 -11.41
CA LEU A 35 15.30 -11.91 -11.24
C LEU A 35 13.95 -11.50 -11.81
N LEU A 36 13.67 -10.18 -11.78
CA LEU A 36 12.40 -9.66 -12.33
C LEU A 36 12.34 -9.95 -13.82
N ARG A 37 13.39 -9.57 -14.51
CA ARG A 37 13.64 -9.97 -15.90
C ARG A 37 13.40 -11.47 -16.17
N LYS A 38 14.13 -12.34 -15.49
CA LYS A 38 13.95 -13.78 -15.72
C LYS A 38 12.53 -14.23 -15.46
N ALA A 39 11.84 -13.55 -14.51
CA ALA A 39 10.43 -13.87 -14.26
C ALA A 39 9.48 -13.33 -15.37
N GLY A 40 10.05 -12.66 -16.37
CA GLY A 40 9.24 -12.07 -17.46
C GLY A 40 8.51 -10.77 -17.05
N MET A 41 9.12 -9.93 -16.23
CA MET A 41 8.40 -8.79 -15.69
C MET A 41 9.29 -7.60 -15.89
N GLU A 42 8.71 -6.48 -16.31
CA GLU A 42 9.46 -5.24 -16.35
C GLU A 42 9.06 -4.41 -15.11
N PRO A 43 10.01 -3.62 -14.58
CA PRO A 43 9.72 -2.92 -13.36
C PRO A 43 8.57 -1.90 -13.62
N SER A 44 7.79 -1.66 -12.58
CA SER A 44 6.66 -0.73 -12.62
C SER A 44 7.29 0.65 -12.46
N PHE A 45 6.52 1.69 -12.73
CA PHE A 45 7.16 3.01 -12.56
C PHE A 45 7.46 3.29 -11.10
N LEU A 46 6.67 2.71 -10.17
CA LEU A 46 7.02 2.95 -8.74
C LEU A 46 8.40 2.36 -8.43
N MET A 47 8.70 1.22 -9.05
CA MET A 47 10.03 0.58 -8.89
C MET A 47 11.10 1.41 -9.58
N ARG A 48 10.87 1.80 -10.84
CA ARG A 48 11.89 2.63 -11.51
C ARG A 48 12.24 3.87 -10.72
N ARG A 49 11.26 4.47 -10.07
CA ARG A 49 11.52 5.75 -9.42
C ARG A 49 12.06 5.63 -8.04
N GLY A 50 12.28 4.38 -7.60
CA GLY A 50 12.85 4.22 -6.25
C GLY A 50 11.76 4.41 -5.20
N ILE A 51 10.49 4.43 -5.60
CA ILE A 51 9.46 4.63 -4.55
C ILE A 51 9.28 3.28 -3.83
N ILE A 52 9.23 2.20 -4.60
CA ILE A 52 9.56 0.89 -4.01
C ILE A 52 11.10 0.75 -3.89
N PHE A 53 11.63 0.97 -2.67
CA PHE A 53 13.09 1.06 -2.45
C PHE A 53 13.77 -0.22 -1.83
N GLY A 54 12.97 -1.08 -1.18
CA GLY A 54 13.48 -2.23 -0.41
C GLY A 54 12.72 -3.53 -0.72
N HIS A 55 13.33 -4.66 -0.34
CA HIS A 55 12.66 -5.96 -0.36
C HIS A 55 13.34 -6.84 0.69
N ARG A 56 12.58 -7.84 1.14
CA ARG A 56 13.16 -8.96 1.87
C ARG A 56 12.55 -10.21 1.27
N ASP A 57 13.41 -11.07 0.73
CA ASP A 57 13.04 -12.40 0.23
C ASP A 57 12.17 -12.39 -1.01
N PHE A 58 12.06 -11.24 -1.68
CA PHE A 58 11.25 -11.16 -2.94
C PHE A 58 11.98 -11.90 -4.08
N ASP A 59 13.31 -11.97 -4.00
CA ASP A 59 14.07 -12.92 -4.86
C ASP A 59 13.54 -14.34 -4.80
N LYS A 60 13.29 -14.85 -3.58
CA LYS A 60 12.80 -16.23 -3.43
C LYS A 60 11.45 -16.31 -4.10
N ILE A 61 10.65 -15.24 -3.97
CA ILE A 61 9.32 -15.24 -4.64
C ILE A 61 9.45 -15.38 -6.16
N LEU A 62 10.30 -14.53 -6.74
CA LEU A 62 10.44 -14.46 -8.18
C LEU A 62 11.09 -15.77 -8.74
N GLU A 63 11.99 -16.38 -7.95
CA GLU A 63 12.56 -17.72 -8.34
C GLU A 63 11.40 -18.73 -8.44
N ALA A 64 10.53 -18.74 -7.42
CA ALA A 64 9.41 -19.69 -7.53
C ALA A 64 8.65 -19.37 -8.80
N LYS A 65 8.36 -18.07 -9.00
CA LYS A 65 7.47 -17.74 -10.08
C LYS A 65 8.13 -18.18 -11.39
N ALA A 66 9.43 -17.91 -11.49
CA ALA A 66 10.18 -18.27 -12.71
C ALA A 66 10.07 -19.76 -13.08
N ARG A 67 9.92 -20.66 -12.09
CA ARG A 67 9.89 -22.06 -12.44
C ARG A 67 8.48 -22.52 -12.59
N GLY A 68 7.53 -21.55 -12.66
CA GLY A 68 6.14 -21.83 -12.95
C GLY A 68 5.26 -22.03 -11.73
N GLU A 69 5.75 -21.66 -10.55
CA GLU A 69 4.87 -21.83 -9.36
C GLU A 69 3.85 -20.60 -9.34
N ARG A 70 2.58 -20.79 -8.94
CA ARG A 70 1.69 -19.62 -8.78
C ARG A 70 2.09 -18.91 -7.50
N VAL A 71 2.52 -17.64 -7.57
CA VAL A 71 2.91 -16.83 -6.38
C VAL A 71 1.81 -15.84 -5.95
N ALA A 72 1.89 -15.28 -4.75
CA ALA A 72 0.76 -14.47 -4.27
C ALA A 72 1.21 -13.18 -3.68
N VAL A 73 0.28 -12.21 -3.64
CA VAL A 73 0.53 -10.99 -2.88
C VAL A 73 -0.68 -10.81 -2.04
N LEU A 74 -0.47 -10.27 -0.84
CA LEU A 74 -1.54 -10.13 0.13
C LEU A 74 -1.34 -8.81 0.84
N THR A 75 -2.43 -8.08 1.16
CA THR A 75 -2.30 -6.94 2.07
C THR A 75 -3.68 -6.87 2.76
N GLY A 76 -3.87 -6.03 3.77
CA GLY A 76 -5.24 -5.87 4.19
C GLY A 76 -5.57 -4.40 4.42
N PHE A 77 -6.85 -4.11 4.61
CA PHE A 77 -7.28 -2.69 4.85
C PHE A 77 -8.20 -2.60 6.05
N MET A 78 -7.97 -1.61 6.89
CA MET A 78 -8.86 -1.14 7.93
C MET A 78 -10.11 -0.46 7.32
N PRO A 79 -11.34 -1.03 7.46
CA PRO A 79 -12.52 -0.38 6.83
C PRO A 79 -13.07 0.79 7.67
N SER A 80 -12.34 1.89 7.67
CA SER A 80 -12.65 3.07 8.44
C SER A 80 -12.36 4.28 7.52
N GLY A 81 -13.25 5.26 7.45
CA GLY A 81 -12.93 6.53 6.75
C GLY A 81 -12.87 6.33 5.27
N LYS A 82 -12.41 7.29 4.49
CA LYS A 82 -12.56 7.09 3.02
C LYS A 82 -11.28 6.65 2.35
N PHE A 83 -11.45 6.02 1.19
CA PHE A 83 -10.34 5.55 0.43
C PHE A 83 -9.61 6.73 -0.22
N HIS A 84 -8.29 6.81 0.02
CA HIS A 84 -7.51 7.94 -0.39
C HIS A 84 -6.29 7.49 -1.22
N PHE A 85 -5.44 8.45 -1.60
CA PHE A 85 -4.33 8.18 -2.47
C PHE A 85 -3.24 7.39 -1.74
N GLY A 86 -3.23 7.45 -0.42
CA GLY A 86 -2.37 6.50 0.38
C GLY A 86 -2.75 5.08 0.06
N HIS A 87 -4.03 4.78 0.12
CA HIS A 87 -4.56 3.46 -0.18
C HIS A 87 -4.31 3.12 -1.64
N LYS A 88 -4.43 4.12 -2.53
CA LYS A 88 -4.30 3.89 -3.95
C LYS A 88 -2.88 3.36 -4.27
N LEU A 89 -1.87 3.91 -3.61
CA LEU A 89 -0.49 3.50 -3.83
C LEU A 89 -0.33 1.99 -3.53
N THR A 90 -0.92 1.49 -2.44
CA THR A 90 -0.95 0.05 -2.20
C THR A 90 -1.64 -0.75 -3.28
N VAL A 91 -2.87 -0.34 -3.63
CA VAL A 91 -3.61 -1.04 -4.67
C VAL A 91 -2.97 -1.10 -6.02
N ASP A 92 -2.32 0.02 -6.42
CA ASP A 92 -1.57 0.02 -7.68
C ASP A 92 -0.43 -1.03 -7.66
N GLN A 93 0.25 -1.21 -6.53
CA GLN A 93 1.23 -2.32 -6.46
C GLN A 93 0.53 -3.68 -6.63
N LEU A 94 -0.67 -3.86 -6.08
CA LEU A 94 -1.44 -5.10 -6.26
C LEU A 94 -1.80 -5.32 -7.72
N ILE A 95 -2.20 -4.23 -8.38
CA ILE A 95 -2.63 -4.34 -9.75
C ILE A 95 -1.43 -4.66 -10.63
N TYR A 96 -0.32 -4.01 -10.38
CA TYR A 96 0.84 -4.37 -11.16
C TYR A 96 1.15 -5.91 -10.99
N LEU A 97 1.10 -6.41 -9.73
CA LEU A 97 1.50 -7.81 -9.52
C LEU A 97 0.45 -8.68 -10.17
N GLN A 98 -0.83 -8.30 -10.06
CA GLN A 98 -1.87 -9.17 -10.63
C GLN A 98 -1.74 -9.31 -12.14
N LYS A 99 -1.37 -8.20 -12.81
CA LYS A 99 -1.17 -8.26 -14.26
C LYS A 99 0.01 -9.12 -14.60
N ASN A 100 0.97 -9.23 -13.69
CA ASN A 100 2.10 -10.12 -13.94
C ASN A 100 1.91 -11.57 -13.41
N GLY A 101 0.65 -11.95 -13.18
CA GLY A 101 0.34 -13.34 -12.82
C GLY A 101 0.24 -13.65 -11.31
N PHE A 102 0.49 -12.68 -10.44
CA PHE A 102 0.32 -12.92 -8.99
C PHE A 102 -1.13 -13.12 -8.62
N LYS A 103 -1.39 -14.08 -7.72
CA LYS A 103 -2.69 -14.17 -7.07
C LYS A 103 -2.77 -13.10 -6.02
N VAL A 104 -3.89 -12.39 -5.97
CA VAL A 104 -3.96 -11.27 -5.05
C VAL A 104 -4.96 -11.61 -3.95
N PHE A 105 -4.61 -11.38 -2.70
CA PHE A 105 -5.52 -11.55 -1.62
C PHE A 105 -5.69 -10.17 -0.96
N VAL A 106 -6.91 -9.79 -0.63
CA VAL A 106 -7.04 -8.54 0.15
C VAL A 106 -7.83 -8.89 1.37
N ALA A 107 -7.27 -8.66 2.53
CA ALA A 107 -8.02 -8.84 3.75
C ALA A 107 -8.75 -7.53 4.17
N ILE A 108 -10.01 -7.68 4.59
CA ILE A 108 -10.70 -6.64 5.30
C ILE A 108 -10.61 -6.88 6.80
N ALA A 109 -10.00 -5.92 7.47
CA ALA A 109 -9.74 -6.01 8.90
C ALA A 109 -10.86 -5.62 9.75
N ASP A 110 -12.03 -6.21 9.53
CA ASP A 110 -13.22 -5.85 10.27
C ASP A 110 -13.23 -6.36 11.73
N ALA A 111 -12.49 -7.44 12.05
CA ALA A 111 -12.36 -7.82 13.49
C ALA A 111 -11.56 -6.74 14.23
N GLU A 112 -10.45 -6.34 13.62
CA GLU A 112 -9.69 -5.25 14.26
C GLU A 112 -10.49 -3.93 14.33
N ALA A 113 -11.23 -3.61 13.26
CA ALA A 113 -12.13 -2.43 13.26
C ALA A 113 -13.09 -2.39 14.47
N PHE A 114 -13.74 -3.52 14.68
CA PHE A 114 -14.63 -3.64 15.80
C PHE A 114 -13.91 -3.57 17.11
N ALA A 115 -12.88 -4.39 17.27
CA ALA A 115 -12.36 -4.65 18.66
C ALA A 115 -11.37 -3.59 19.08
N VAL A 116 -10.53 -3.16 18.17
CA VAL A 116 -9.56 -2.09 18.50
C VAL A 116 -10.19 -0.71 18.24
N ARG A 117 -10.81 -0.49 17.08
CA ARG A 117 -11.26 0.90 16.74
C ARG A 117 -12.68 1.17 17.10
N ARG A 118 -13.39 0.17 17.67
CA ARG A 118 -14.79 0.36 18.10
C ARG A 118 -15.74 0.72 16.96
N ILE A 119 -15.50 0.23 15.77
CA ILE A 119 -16.40 0.45 14.64
C ILE A 119 -17.50 -0.60 14.54
N GLY A 120 -18.74 -0.16 14.43
CA GLY A 120 -19.86 -1.09 14.33
C GLY A 120 -19.77 -2.07 13.19
N ARG A 121 -20.43 -3.21 13.36
CA ARG A 121 -20.38 -4.32 12.43
C ARG A 121 -20.96 -3.94 11.06
N GLU A 122 -22.20 -3.44 11.06
CA GLU A 122 -22.88 -3.07 9.83
C GLU A 122 -22.05 -2.03 9.04
N GLU A 123 -21.56 -1.05 9.74
CA GLU A 123 -20.77 0.01 9.14
C GLU A 123 -19.41 -0.47 8.61
N ALA A 124 -18.70 -1.30 9.38
CA ALA A 124 -17.41 -1.87 8.92
C ALA A 124 -17.64 -2.56 7.62
N VAL A 125 -18.72 -3.34 7.55
CA VAL A 125 -19.03 -4.15 6.34
C VAL A 125 -19.44 -3.30 5.13
N ARG A 126 -20.26 -2.30 5.36
CA ARG A 126 -20.64 -1.32 4.34
C ARG A 126 -19.45 -0.56 3.73
N ILE A 127 -18.69 0.06 4.59
CA ILE A 127 -17.48 0.77 4.23
C ILE A 127 -16.51 -0.13 3.50
N ALA A 128 -16.30 -1.37 3.99
CA ALA A 128 -15.40 -2.29 3.28
C ALA A 128 -15.78 -2.54 1.82
N VAL A 129 -17.05 -2.81 1.60
CA VAL A 129 -17.54 -3.17 0.30
C VAL A 129 -17.65 -1.88 -0.60
N GLU A 130 -18.28 -0.82 -0.10
CA GLU A 130 -18.63 0.34 -1.00
C GLU A 130 -17.53 1.36 -1.06
N GLU A 131 -16.75 1.47 -0.01
CA GLU A 131 -15.65 2.39 0.02
C GLU A 131 -14.29 1.70 -0.34
N TYR A 132 -14.07 0.45 0.06
CA TYR A 132 -12.76 -0.16 -0.18
C TYR A 132 -12.79 -1.08 -1.34
N ILE A 133 -13.59 -2.16 -1.28
CA ILE A 133 -13.59 -3.05 -2.42
C ILE A 133 -14.06 -2.39 -3.73
N ALA A 134 -15.12 -1.59 -3.67
CA ALA A 134 -15.62 -0.90 -4.87
C ALA A 134 -14.55 0.06 -5.47
N ASN A 135 -13.88 0.86 -4.66
CA ASN A 135 -12.75 1.62 -5.17
C ASN A 135 -11.59 0.83 -5.74
N MET A 136 -11.26 -0.30 -5.10
CA MET A 136 -10.20 -1.17 -5.67
C MET A 136 -10.61 -1.73 -7.01
N ILE A 137 -11.87 -2.10 -7.15
CA ILE A 137 -12.32 -2.63 -8.45
C ILE A 137 -12.24 -1.49 -9.54
N ALA A 138 -12.72 -0.29 -9.21
CA ALA A 138 -12.74 0.85 -10.15
C ALA A 138 -11.31 1.20 -10.53
N LEU A 139 -10.37 0.96 -9.60
CA LEU A 139 -8.95 1.24 -9.90
C LEU A 139 -8.35 0.23 -10.83
N GLY A 140 -8.97 -0.95 -10.94
CA GLY A 140 -8.52 -1.98 -11.90
C GLY A 140 -8.18 -3.37 -11.31
N LEU A 141 -8.38 -3.55 -10.01
CA LEU A 141 -8.17 -4.87 -9.38
C LEU A 141 -9.24 -5.76 -9.99
N ASP A 142 -8.88 -6.95 -10.45
CA ASP A 142 -9.79 -7.82 -11.19
C ASP A 142 -10.83 -8.45 -10.24
N PRO A 143 -12.14 -8.20 -10.51
CA PRO A 143 -13.18 -8.63 -9.59
C PRO A 143 -13.31 -10.13 -9.57
N LYS A 144 -12.78 -10.80 -10.58
CA LYS A 144 -12.97 -12.23 -10.68
C LYS A 144 -11.83 -13.03 -9.99
N ASP A 145 -10.59 -12.62 -10.14
CA ASP A 145 -9.48 -13.40 -9.62
C ASP A 145 -8.92 -12.94 -8.27
N THR A 146 -9.37 -11.79 -7.79
CA THR A 146 -8.86 -11.21 -6.57
C THR A 146 -9.68 -11.88 -5.48
N GLU A 147 -9.07 -12.27 -4.38
CA GLU A 147 -9.84 -12.93 -3.31
C GLU A 147 -9.93 -11.99 -2.15
N PHE A 148 -11.10 -11.37 -1.93
CA PHE A 148 -11.29 -10.45 -0.85
C PHE A 148 -11.97 -11.30 0.26
N TYR A 149 -11.71 -10.96 1.54
CA TYR A 149 -12.33 -11.71 2.62
C TYR A 149 -12.35 -10.84 3.81
N PHE A 150 -13.26 -11.19 4.72
CA PHE A 150 -13.36 -10.57 6.05
C PHE A 150 -12.66 -11.42 7.11
N GLN A 151 -11.92 -10.73 7.98
CA GLN A 151 -11.24 -11.39 9.11
C GLN A 151 -12.27 -12.26 9.86
N THR A 152 -13.51 -11.77 9.93
CA THR A 152 -14.47 -12.41 10.80
C THR A 152 -15.22 -13.44 10.01
N ASN A 153 -14.82 -13.68 8.76
CA ASN A 153 -15.55 -14.67 8.01
C ASN A 153 -14.72 -15.56 7.15
N ARG A 154 -13.60 -16.00 7.65
CA ARG A 154 -12.60 -16.57 6.73
C ARG A 154 -12.48 -18.10 6.96
N GLY A 155 -12.90 -18.61 8.10
CA GLY A 155 -13.12 -20.13 8.19
C GLY A 155 -12.14 -20.82 9.18
N THR A 156 -12.38 -22.10 9.43
CA THR A 156 -11.75 -22.80 10.59
C THR A 156 -10.24 -22.83 10.55
N PRO A 157 -9.65 -23.14 9.38
CA PRO A 157 -8.16 -23.34 9.35
C PRO A 157 -7.39 -22.05 9.55
N TYR A 158 -7.96 -20.96 9.09
CA TYR A 158 -7.37 -19.63 9.33
C TYR A 158 -7.48 -19.26 10.80
N PHE A 159 -8.62 -19.51 11.39
CA PHE A 159 -8.81 -19.21 12.80
C PHE A 159 -7.88 -20.10 13.68
N ARG A 160 -7.66 -21.34 13.29
CA ARG A 160 -6.79 -22.28 14.04
C ARG A 160 -5.40 -21.72 14.11
N LEU A 161 -4.96 -21.06 13.05
CA LEU A 161 -3.61 -20.50 13.14
C LEU A 161 -3.52 -19.54 14.25
N ILE A 162 -4.55 -18.71 14.34
CA ILE A 162 -4.53 -17.65 15.31
C ILE A 162 -4.46 -18.30 16.71
N GLN A 163 -5.24 -19.33 16.93
CA GLN A 163 -5.26 -20.05 18.25
C GLN A 163 -3.89 -20.61 18.57
N LEU A 164 -3.26 -21.22 17.57
CA LEU A 164 -1.96 -21.85 17.80
C LEU A 164 -0.88 -20.81 17.90
N PHE A 165 -1.00 -19.68 17.18
CA PHE A 165 0.03 -18.66 17.30
C PHE A 165 0.07 -18.06 18.66
N SER A 166 -1.06 -18.02 19.33
CA SER A 166 -1.08 -17.45 20.66
C SER A 166 -0.08 -18.12 21.63
N GLY A 167 0.34 -19.36 21.35
CA GLY A 167 1.28 -20.04 22.26
C GLY A 167 2.74 -19.74 21.90
N LYS A 168 2.94 -19.02 20.80
CA LYS A 168 4.26 -18.91 20.24
C LYS A 168 4.73 -17.48 20.21
N VAL A 169 4.14 -16.63 21.04
CA VAL A 169 4.64 -15.27 21.17
C VAL A 169 4.50 -14.88 22.63
N THR A 170 5.36 -13.99 23.13
CA THR A 170 5.26 -13.55 24.53
C THR A 170 4.55 -12.20 24.60
N ALA A 171 4.00 -11.87 25.77
CA ALA A 171 3.53 -10.48 26.05
C ALA A 171 4.62 -9.47 25.70
N ALA A 172 5.88 -9.74 26.08
CA ALA A 172 6.98 -8.76 25.83
C ALA A 172 7.26 -8.53 24.34
N GLU A 173 7.29 -9.60 23.56
CA GLU A 173 7.47 -9.43 22.12
C GLU A 173 6.33 -8.57 21.56
N MET A 174 5.13 -8.80 22.00
CA MET A 174 4.04 -7.97 21.52
C MET A 174 4.07 -6.55 22.07
N GLU A 175 4.35 -6.39 23.36
CA GLU A 175 4.57 -5.09 23.96
C GLU A 175 5.59 -4.23 23.15
N ALA A 176 6.64 -4.87 22.64
CA ALA A 176 7.66 -4.18 21.84
C ALA A 176 7.08 -3.48 20.61
N ILE A 177 6.11 -4.14 19.96
CA ILE A 177 5.60 -3.75 18.64
C ILE A 177 4.50 -2.71 18.74
N TYR A 178 3.76 -2.77 19.85
CA TYR A 178 2.47 -2.13 19.99
C TYR A 178 2.41 -1.19 21.19
N GLY A 179 3.32 -1.37 22.14
CA GLY A 179 3.30 -0.57 23.38
C GLY A 179 2.49 -1.28 24.45
N GLU A 180 1.61 -0.54 25.12
CA GLU A 180 0.73 -1.17 26.09
C GLU A 180 -0.43 -1.87 25.37
N LEU A 181 -0.69 -3.10 25.79
CA LEU A 181 -1.29 -4.12 24.95
C LEU A 181 -2.61 -4.78 25.44
N THR A 182 -3.71 -4.28 24.89
CA THR A 182 -5.03 -4.73 25.20
C THR A 182 -5.27 -6.15 24.64
N PRO A 183 -6.30 -6.87 25.15
CA PRO A 183 -6.68 -8.11 24.46
C PRO A 183 -7.02 -7.90 22.97
N ALA A 184 -7.66 -6.79 22.65
CA ALA A 184 -8.01 -6.52 21.26
C ALA A 184 -6.75 -6.40 20.39
N LYS A 185 -5.71 -5.77 20.94
CA LYS A 185 -4.49 -5.54 20.17
C LYS A 185 -3.70 -6.81 20.05
N MET A 186 -3.70 -7.59 21.09
CA MET A 186 -3.10 -8.91 21.08
C MET A 186 -3.78 -9.72 20.03
N MET A 187 -5.08 -9.77 20.08
CA MET A 187 -5.84 -10.45 19.06
C MET A 187 -5.59 -9.91 17.62
N ALA A 188 -5.53 -8.58 17.48
CA ALA A 188 -5.27 -8.00 16.14
C ALA A 188 -3.92 -8.43 15.55
N SER A 189 -2.92 -8.40 16.39
CA SER A 189 -1.59 -8.79 16.00
C SER A 189 -1.53 -10.26 15.50
N LEU A 190 -2.12 -11.20 16.25
CA LEU A 190 -2.13 -12.58 15.81
C LEU A 190 -2.93 -12.78 14.53
N THR A 191 -4.06 -12.08 14.40
CA THR A 191 -4.97 -12.25 13.23
C THR A 191 -4.28 -11.74 11.97
N GLN A 192 -3.52 -10.68 12.13
CA GLN A 192 -2.80 -10.15 10.99
C GLN A 192 -1.71 -11.09 10.55
N ALA A 193 -1.07 -11.79 11.48
CA ALA A 193 -0.07 -12.77 11.06
C ALA A 193 -0.82 -13.86 10.34
N ALA A 194 -1.99 -14.19 10.84
CA ALA A 194 -2.72 -15.24 10.15
C ALA A 194 -3.19 -14.77 8.79
N ASP A 195 -3.59 -13.50 8.70
CA ASP A 195 -3.98 -13.02 7.32
C ASP A 195 -2.84 -13.34 6.37
N ILE A 196 -1.63 -13.00 6.76
CA ILE A 196 -0.46 -13.21 5.88
C ILE A 196 -0.12 -14.68 5.61
N LEU A 197 -0.13 -15.48 6.67
CA LEU A 197 0.37 -16.87 6.58
C LEU A 197 -0.70 -17.81 6.06
N HIS A 198 -2.00 -17.55 6.34
CA HIS A 198 -3.02 -18.59 6.05
C HIS A 198 -3.16 -19.04 4.61
N VAL A 199 -2.76 -18.17 3.70
CA VAL A 199 -2.88 -18.51 2.26
C VAL A 199 -1.95 -19.66 1.85
N GLN A 200 -1.00 -19.97 2.72
CA GLN A 200 -0.10 -21.10 2.51
C GLN A 200 -0.85 -22.45 2.79
N LEU A 201 -1.94 -22.43 3.57
CA LEU A 201 -2.72 -23.66 3.84
C LEU A 201 -3.40 -24.10 2.59
N ASP A 202 -3.55 -25.42 2.45
CA ASP A 202 -4.11 -26.03 1.29
C ASP A 202 -5.53 -25.61 1.09
N GLU A 203 -6.22 -25.36 2.20
CA GLU A 203 -7.63 -24.95 2.07
C GLU A 203 -7.85 -23.55 1.46
N TYR A 204 -6.78 -22.76 1.33
CA TYR A 204 -6.93 -21.47 0.75
C TYR A 204 -6.14 -21.37 -0.54
N GLY A 205 -5.64 -22.50 -1.06
CA GLY A 205 -4.91 -22.52 -2.36
C GLY A 205 -3.47 -22.99 -2.26
N GLY A 206 -2.93 -23.10 -1.03
CA GLY A 206 -1.55 -23.49 -0.84
C GLY A 206 -0.46 -22.62 -1.43
N TYR A 207 -0.55 -21.31 -1.21
CA TYR A 207 0.39 -20.37 -1.82
C TYR A 207 1.49 -20.18 -0.83
N ARG A 208 2.60 -20.91 -1.02
CA ARG A 208 3.63 -20.86 -0.06
C ARG A 208 4.37 -19.53 -0.20
N HIS A 209 4.47 -19.05 -1.43
CA HIS A 209 5.35 -17.93 -1.66
C HIS A 209 4.48 -16.64 -1.71
N VAL A 210 4.54 -15.78 -0.70
CA VAL A 210 3.63 -14.62 -0.60
C VAL A 210 4.48 -13.43 -0.32
N VAL A 211 4.22 -12.31 -1.04
CA VAL A 211 4.90 -11.04 -0.75
C VAL A 211 3.84 -10.06 -0.17
N VAL A 212 4.24 -9.25 0.79
CA VAL A 212 3.42 -8.23 1.43
C VAL A 212 4.06 -6.85 1.19
N PRO A 213 3.33 -5.95 0.50
CA PRO A 213 3.88 -4.61 0.19
C PRO A 213 3.55 -3.70 1.35
N VAL A 214 4.56 -3.15 2.00
CA VAL A 214 4.36 -2.33 3.17
C VAL A 214 5.30 -1.11 3.20
N GLY A 215 5.15 -0.26 4.21
CA GLY A 215 6.13 0.81 4.49
C GLY A 215 7.07 0.30 5.56
N ALA A 216 8.30 0.82 5.64
CA ALA A 216 9.31 0.38 6.63
C ALA A 216 8.77 0.31 8.04
N ASP A 217 7.85 1.26 8.32
CA ASP A 217 7.30 1.44 9.65
C ASP A 217 6.44 0.22 10.05
N GLN A 218 6.10 -0.63 9.07
CA GLN A 218 5.29 -1.81 9.33
C GLN A 218 6.14 -3.08 9.48
N ASP A 219 7.48 -2.96 9.40
CA ASP A 219 8.29 -4.15 9.41
C ASP A 219 8.22 -4.98 10.73
N PRO A 220 8.13 -4.31 11.89
CA PRO A 220 8.11 -5.10 13.10
C PRO A 220 7.00 -6.14 13.13
N HIS A 221 5.81 -5.80 12.67
CA HIS A 221 4.78 -6.83 12.60
C HIS A 221 5.11 -7.93 11.61
N LEU A 222 5.81 -7.60 10.56
CA LEU A 222 6.19 -8.63 9.58
C LEU A 222 7.28 -9.60 10.16
N ARG A 223 8.17 -9.08 10.98
CA ARG A 223 9.23 -9.87 11.54
C ARG A 223 8.63 -10.80 12.57
N LEU A 224 7.64 -10.32 13.30
CA LEU A 224 6.90 -11.18 14.21
C LEU A 224 6.19 -12.29 13.42
N THR A 225 5.60 -11.97 12.28
CA THR A 225 4.85 -12.95 11.50
C THR A 225 5.81 -14.01 10.97
N ARG A 226 6.99 -13.56 10.55
CA ARG A 226 8.05 -14.47 10.08
C ARG A 226 8.55 -15.38 11.23
N ASP A 227 8.72 -14.82 12.43
CA ASP A 227 9.06 -15.64 13.59
C ASP A 227 7.98 -16.68 13.89
N LEU A 228 6.71 -16.29 13.83
CA LEU A 228 5.61 -17.22 14.02
C LEU A 228 5.67 -18.38 13.03
N ALA A 229 5.88 -18.10 11.76
CA ALA A 229 6.04 -19.15 10.76
C ALA A 229 7.17 -20.17 11.16
N ASP A 230 8.32 -19.62 11.56
CA ASP A 230 9.47 -20.43 11.97
C ASP A 230 9.08 -21.25 13.21
N ARG A 231 8.42 -20.61 14.20
CA ARG A 231 8.03 -21.29 15.45
C ARG A 231 6.91 -22.32 15.31
N MET A 232 6.27 -22.37 14.16
CA MET A 232 5.28 -23.36 13.95
C MET A 232 5.84 -24.64 13.29
N ALA A 233 7.16 -24.69 13.07
CA ALA A 233 7.81 -25.90 12.45
C ALA A 233 7.40 -27.15 13.22
N GLY A 234 6.87 -28.17 12.57
CA GLY A 234 6.44 -29.36 13.25
C GLY A 234 4.95 -29.39 13.51
N VAL A 235 4.29 -28.25 13.36
CA VAL A 235 2.85 -28.19 13.59
C VAL A 235 2.21 -27.90 12.28
N VAL A 236 2.71 -26.85 11.62
CA VAL A 236 2.32 -26.62 10.25
C VAL A 236 3.51 -25.94 9.56
N GLU A 237 3.82 -26.47 8.39
CA GLU A 237 5.00 -26.02 7.62
C GLU A 237 4.72 -24.65 6.88
N LEU A 238 5.40 -23.59 7.30
CA LEU A 238 5.12 -22.27 6.79
C LEU A 238 6.39 -21.62 6.42
N GLU A 239 6.32 -20.99 5.26
CA GLU A 239 7.42 -20.20 4.75
C GLU A 239 7.36 -18.76 5.28
N ARG A 240 8.51 -18.19 5.60
CA ARG A 240 8.61 -16.79 5.97
C ARG A 240 8.08 -15.90 4.78
N PRO A 241 7.09 -15.01 5.07
CA PRO A 241 6.61 -14.21 3.91
C PRO A 241 7.64 -13.19 3.49
N ALA A 242 7.70 -12.98 2.19
CA ALA A 242 8.54 -11.92 1.65
C ALA A 242 7.84 -10.52 1.74
N SER A 243 8.59 -9.45 1.45
CA SER A 243 8.01 -8.11 1.44
C SER A 243 8.71 -7.19 0.41
N THR A 244 8.01 -6.13 0.02
CA THR A 244 8.60 -4.94 -0.65
C THR A 244 8.30 -3.75 0.22
N TYR A 245 9.08 -2.70 0.07
CA TYR A 245 9.01 -1.53 0.96
C TYR A 245 8.87 -0.25 0.13
N HIS A 246 7.86 0.56 0.43
CA HIS A 246 7.63 1.77 -0.30
C HIS A 246 7.83 2.94 0.66
N LYS A 247 8.34 4.07 0.18
CA LYS A 247 8.31 5.29 0.98
C LYS A 247 6.87 5.73 1.06
N LEU A 248 6.47 6.25 2.19
CA LEU A 248 5.14 6.80 2.35
C LEU A 248 5.00 8.18 1.64
N GLN A 249 3.89 8.36 0.93
CA GLN A 249 3.60 9.62 0.26
C GLN A 249 3.32 10.71 1.30
N PRO A 250 4.07 11.80 1.23
CA PRO A 250 3.73 12.81 2.24
C PRO A 250 2.36 13.47 1.87
N GLY A 251 1.60 13.83 2.90
CA GLY A 251 0.27 14.47 2.73
C GLY A 251 0.34 15.85 2.09
N LEU A 252 -0.81 16.38 1.68
CA LEU A 252 -0.84 17.71 1.05
C LEU A 252 -0.49 18.81 2.05
N ASP A 253 -0.65 18.51 3.34
CA ASP A 253 -0.42 19.45 4.43
C ASP A 253 0.85 19.10 5.15
N GLY A 254 1.84 18.59 4.43
CA GLY A 254 3.10 18.22 5.05
C GLY A 254 3.11 16.97 5.94
N ARG A 255 1.96 16.54 6.42
CA ARG A 255 1.94 15.42 7.37
C ARG A 255 1.33 14.16 6.71
N LYS A 256 1.27 13.03 7.39
CA LYS A 256 0.87 11.77 6.72
C LYS A 256 -0.60 11.71 6.30
N MET A 257 -0.87 11.11 5.14
CA MET A 257 -2.22 11.03 4.62
C MET A 257 -3.14 10.33 5.60
N SER A 258 -4.30 10.93 5.85
CA SER A 258 -5.26 10.40 6.76
C SER A 258 -6.67 10.86 6.41
N SER A 259 -7.63 9.91 6.34
CA SER A 259 -9.06 10.20 6.37
C SER A 259 -9.39 11.14 7.54
N SER A 260 -8.55 11.10 8.59
CA SER A 260 -8.69 11.97 9.76
C SER A 260 -8.64 13.44 9.41
N ARG A 261 -7.64 13.87 8.62
CA ARG A 261 -7.65 15.26 8.08
C ARG A 261 -7.70 15.40 6.58
N PRO A 262 -8.93 15.59 6.09
CA PRO A 262 -9.41 15.61 4.73
C PRO A 262 -8.55 16.40 3.78
N ASP A 263 -7.97 17.52 4.23
CA ASP A 263 -7.03 18.32 3.42
C ASP A 263 -5.63 17.75 3.28
N SER A 264 -5.27 16.79 4.12
CA SER A 264 -4.06 15.98 3.95
C SER A 264 -4.12 15.28 2.63
N THR A 265 -5.30 14.82 2.20
CA THR A 265 -5.30 13.93 1.01
C THR A 265 -6.50 14.10 0.17
N ILE A 266 -6.41 13.57 -1.04
CA ILE A 266 -7.54 13.54 -1.90
C ILE A 266 -8.25 12.21 -1.69
N PHE A 267 -9.57 12.24 -1.50
CA PHE A 267 -10.33 11.00 -1.51
C PHE A 267 -10.74 10.64 -2.92
N LEU A 268 -10.73 9.36 -3.26
CA LEU A 268 -11.09 9.00 -4.63
C LEU A 268 -12.55 9.35 -5.02
N THR A 269 -13.38 9.62 -4.00
CA THR A 269 -14.75 10.06 -4.25
C THR A 269 -14.97 11.59 -4.21
N ASP A 270 -13.94 12.37 -3.89
CA ASP A 270 -14.00 13.84 -3.93
C ASP A 270 -14.50 14.35 -5.29
N PRO A 271 -15.52 15.20 -5.24
CA PRO A 271 -15.97 15.90 -6.42
C PRO A 271 -14.85 16.82 -6.88
N PRO A 272 -14.80 17.09 -8.17
CA PRO A 272 -13.72 17.80 -8.81
C PRO A 272 -13.40 19.11 -8.12
N GLU A 273 -14.42 19.86 -7.71
CA GLU A 273 -14.17 21.11 -7.03
C GLU A 273 -13.53 20.97 -5.67
N VAL A 274 -14.01 20.04 -4.87
CA VAL A 274 -13.34 19.70 -3.57
C VAL A 274 -11.87 19.28 -3.79
N ALA A 275 -11.63 18.41 -4.77
CA ALA A 275 -10.26 17.87 -4.99
C ALA A 275 -9.34 18.97 -5.43
N ARG A 276 -9.89 19.85 -6.27
CA ARG A 276 -9.03 20.94 -6.84
C ARG A 276 -8.63 21.89 -5.76
N ASN A 277 -9.59 22.18 -4.93
CA ASN A 277 -9.33 23.07 -3.85
C ASN A 277 -8.30 22.47 -2.94
N LYS A 278 -8.45 21.17 -2.61
CA LYS A 278 -7.43 20.54 -1.78
C LYS A 278 -6.15 20.63 -2.50
N LEU A 279 -6.14 20.33 -3.78
CA LEU A 279 -4.83 20.39 -4.43
C LEU A 279 -4.19 21.77 -4.43
N PHE A 280 -5.01 22.80 -4.69
CA PHE A 280 -4.46 24.17 -4.77
C PHE A 280 -4.03 24.69 -3.42
N ARG A 281 -4.54 24.05 -2.35
CA ARG A 281 -4.09 24.36 -0.98
C ARG A 281 -2.81 23.67 -0.52
N ALA A 282 -2.29 22.76 -1.34
CA ALA A 282 -1.18 21.85 -0.93
C ALA A 282 0.10 22.62 -0.67
N LEU A 283 0.91 22.13 0.27
CA LEU A 283 2.22 22.72 0.51
C LEU A 283 3.20 22.41 -0.60
N THR A 284 4.01 23.41 -0.95
CA THR A 284 4.94 23.31 -2.06
C THR A 284 6.36 23.55 -1.58
N GLY A 285 7.32 23.39 -2.46
CA GLY A 285 8.66 23.87 -2.18
C GLY A 285 8.89 25.22 -2.87
N GLY A 286 7.82 25.99 -3.07
CA GLY A 286 7.89 27.26 -3.79
C GLY A 286 8.28 28.41 -2.86
N ARG A 287 8.34 29.62 -3.43
CA ARG A 287 8.97 30.76 -2.76
C ARG A 287 7.98 31.85 -2.36
N ALA A 288 8.56 32.89 -1.74
CA ALA A 288 7.82 33.99 -1.17
C ALA A 288 6.91 34.66 -2.20
N THR A 289 7.45 34.83 -3.42
CA THR A 289 6.78 35.53 -4.53
C THR A 289 7.19 34.98 -5.89
N ALA A 290 6.30 35.15 -6.88
CA ALA A 290 6.62 34.86 -8.29
C ALA A 290 8.05 35.25 -8.68
N GLU A 291 8.49 36.42 -8.21
CA GLU A 291 9.80 36.99 -8.54
C GLU A 291 11.03 36.17 -7.99
N GLU A 292 11.01 35.83 -6.70
CA GLU A 292 12.12 35.08 -6.07
C GLU A 292 12.22 33.66 -6.68
N GLN A 293 11.06 33.06 -6.97
CA GLN A 293 10.95 31.75 -7.62
C GLN A 293 11.75 31.71 -8.93
N ARG A 294 11.52 32.70 -9.79
CA ARG A 294 12.23 32.78 -11.08
C ARG A 294 13.76 32.90 -11.00
N ARG A 295 14.29 33.47 -9.91
CA ARG A 295 15.74 33.53 -9.70
C ARG A 295 16.33 32.22 -9.18
N LEU A 296 15.88 31.79 -8.00
CA LEU A 296 16.38 30.55 -7.36
C LEU A 296 15.81 29.22 -7.91
N GLY A 297 14.48 29.16 -8.04
CA GLY A 297 13.75 27.94 -8.38
C GLY A 297 12.96 27.42 -7.18
N GLY A 298 12.23 26.34 -7.37
CA GLY A 298 11.52 25.74 -6.24
C GLY A 298 12.31 24.56 -5.71
N VAL A 299 11.81 23.97 -4.61
CA VAL A 299 12.41 22.78 -4.00
C VAL A 299 11.44 21.56 -4.08
N PRO A 300 11.52 20.77 -5.17
CA PRO A 300 10.64 19.60 -5.39
C PRO A 300 10.74 18.50 -4.34
N GLU A 301 11.95 18.27 -3.82
CA GLU A 301 12.22 17.31 -2.75
C GLU A 301 11.27 17.57 -1.58
N VAL A 302 10.89 18.82 -1.35
CA VAL A 302 9.97 19.08 -0.22
C VAL A 302 8.50 19.37 -0.59
N CYS A 303 8.17 19.17 -1.85
CA CYS A 303 6.92 19.68 -2.37
C CYS A 303 5.91 18.55 -2.55
N SER A 304 4.75 18.74 -1.96
CA SER A 304 3.72 17.69 -1.97
C SER A 304 2.99 17.63 -3.33
N VAL A 305 3.13 18.69 -4.15
CA VAL A 305 2.53 18.63 -5.51
C VAL A 305 3.43 17.77 -6.39
N TYR A 306 4.73 18.05 -6.34
CA TYR A 306 5.71 17.22 -7.01
C TYR A 306 5.59 15.74 -6.59
N HIS A 307 5.27 15.48 -5.33
CA HIS A 307 5.07 14.06 -4.92
C HIS A 307 3.80 13.42 -5.44
N MET A 308 2.71 14.20 -5.54
CA MET A 308 1.55 13.73 -6.28
C MET A 308 1.93 13.35 -7.71
N ASP A 309 2.75 14.19 -8.35
CA ASP A 309 3.16 13.88 -9.73
C ASP A 309 3.99 12.59 -9.80
N LEU A 310 4.95 12.49 -8.89
CA LEU A 310 5.91 11.37 -8.87
C LEU A 310 5.19 10.05 -8.53
N TYR A 311 4.20 10.06 -7.62
CA TYR A 311 3.59 8.79 -7.11
C TYR A 311 2.38 8.36 -7.90
N HIS A 312 1.66 9.33 -8.47
CA HIS A 312 0.42 9.02 -9.21
C HIS A 312 0.19 9.71 -10.51
N LEU A 313 0.34 11.03 -10.49
CA LEU A 313 -0.31 11.86 -11.60
C LEU A 313 0.43 11.85 -12.94
N MET A 314 1.75 11.58 -12.85
CA MET A 314 2.62 11.53 -13.99
C MET A 314 3.41 10.22 -14.08
N PRO A 315 2.76 9.14 -14.50
CA PRO A 315 3.46 7.86 -14.74
C PRO A 315 4.58 7.92 -15.78
N ASP A 316 4.58 8.96 -16.62
CA ASP A 316 5.61 9.08 -17.65
C ASP A 316 6.85 9.76 -17.08
N ASP A 317 8.00 9.07 -17.12
CA ASP A 317 9.22 9.59 -16.43
C ASP A 317 9.70 10.95 -16.98
N GLY A 318 9.60 11.10 -18.31
CA GLY A 318 9.96 12.35 -19.01
C GLY A 318 9.16 13.53 -18.52
N GLU A 319 7.82 13.39 -18.48
CA GLU A 319 6.92 14.46 -17.95
C GLU A 319 7.24 14.90 -16.53
N VAL A 320 7.47 13.93 -15.62
CA VAL A 320 7.75 14.32 -14.24
C VAL A 320 9.17 14.87 -14.11
N LYS A 321 10.12 14.32 -14.86
CA LYS A 321 11.48 14.92 -14.87
C LYS A 321 11.40 16.37 -15.36
N HIS A 322 10.59 16.60 -16.40
CA HIS A 322 10.45 17.93 -16.98
C HIS A 322 9.92 18.88 -15.92
N ILE A 323 9.04 18.36 -15.05
CA ILE A 323 8.54 19.20 -13.97
C ILE A 323 9.65 19.49 -12.95
N TYR A 324 10.41 18.46 -12.61
CA TYR A 324 11.52 18.62 -11.66
C TYR A 324 12.52 19.69 -12.11
N THR A 325 12.95 19.57 -13.37
CA THR A 325 13.96 20.42 -13.98
C THR A 325 13.49 21.89 -14.03
N SER A 326 12.32 22.12 -14.64
CA SER A 326 11.74 23.45 -14.75
C SER A 326 11.65 24.13 -13.39
N CYS A 327 10.96 23.46 -12.45
CA CYS A 327 10.86 23.96 -11.09
C CYS A 327 12.22 24.47 -10.57
N ARG A 328 13.24 23.62 -10.63
CA ARG A 328 14.56 24.01 -10.19
C ARG A 328 15.20 25.14 -11.04
N LEU A 329 15.11 25.01 -12.38
CA LEU A 329 15.74 25.93 -13.33
C LEU A 329 15.10 27.31 -13.36
N GLY A 330 14.02 27.51 -12.60
CA GLY A 330 13.30 28.78 -12.57
C GLY A 330 12.11 28.92 -13.50
N LYS A 331 11.91 27.92 -14.36
CA LYS A 331 10.99 28.01 -15.48
C LYS A 331 9.50 27.87 -15.14
N ILE A 332 9.16 27.67 -13.86
CA ILE A 332 7.76 27.41 -13.51
C ILE A 332 7.34 27.85 -12.10
N LEU A 333 6.13 28.36 -12.01
CA LEU A 333 5.60 28.84 -10.78
C LEU A 333 4.59 27.82 -10.28
N CYS A 334 4.38 27.83 -8.96
CA CYS A 334 3.56 26.84 -8.27
C CYS A 334 2.16 26.85 -8.79
N GLY A 335 1.63 28.05 -9.06
CA GLY A 335 0.26 28.16 -9.56
C GLY A 335 0.07 27.35 -10.82
N GLU A 336 1.05 27.41 -11.71
CA GLU A 336 0.89 26.75 -13.00
C GLU A 336 1.10 25.23 -12.80
N CYS A 337 2.13 24.91 -12.04
CA CYS A 337 2.48 23.57 -11.64
C CYS A 337 1.28 22.81 -11.05
N LYS A 338 0.58 23.49 -10.13
CA LYS A 338 -0.64 23.01 -9.50
C LYS A 338 -1.73 22.78 -10.51
N GLN A 339 -1.89 23.73 -11.46
CA GLN A 339 -2.96 23.57 -12.44
C GLN A 339 -2.60 22.40 -13.37
N ILE A 340 -1.32 22.22 -13.68
CA ILE A 340 -0.91 21.06 -14.51
C ILE A 340 -1.25 19.70 -13.80
N ALA A 341 -1.05 19.63 -12.50
CA ALA A 341 -1.27 18.38 -11.69
C ALA A 341 -2.75 18.23 -11.59
N TRP A 342 -3.45 19.36 -11.39
CA TRP A 342 -4.91 19.30 -11.33
C TRP A 342 -5.52 18.68 -12.55
N GLU A 343 -5.07 19.09 -13.73
CA GLU A 343 -5.63 18.52 -14.97
C GLU A 343 -5.40 17.01 -15.12
N LYS A 344 -4.24 16.51 -14.68
CA LYS A 344 -4.05 15.05 -14.53
C LYS A 344 -5.06 14.50 -13.51
N LEU A 345 -5.22 15.17 -12.39
CA LEU A 345 -6.09 14.66 -11.32
C LEU A 345 -7.58 14.63 -11.72
N GLU A 346 -8.02 15.71 -12.33
CA GLU A 346 -9.38 15.85 -12.79
C GLU A 346 -9.76 14.75 -13.69
N ARG A 347 -8.92 14.46 -14.65
CA ARG A 347 -9.22 13.36 -15.57
C ARG A 347 -9.17 12.00 -14.86
N PHE A 348 -8.21 11.80 -13.94
CA PHE A 348 -8.17 10.50 -13.31
C PHE A 348 -9.43 10.37 -12.44
N LEU A 349 -9.77 11.41 -11.67
CA LEU A 349 -10.98 11.26 -10.85
C LEU A 349 -12.23 10.99 -11.64
N ALA A 350 -12.41 11.70 -12.77
CA ALA A 350 -13.67 11.53 -13.52
C ALA A 350 -13.75 10.14 -14.14
N GLU A 351 -12.65 9.63 -14.66
CA GLU A 351 -12.75 8.28 -15.22
C GLU A 351 -13.02 7.32 -14.03
N HIS A 352 -12.38 7.59 -12.88
CA HIS A 352 -12.50 6.68 -11.74
C HIS A 352 -13.94 6.68 -11.19
N GLN A 353 -14.45 7.86 -10.92
CA GLN A 353 -15.81 7.94 -10.43
C GLN A 353 -16.88 7.41 -11.39
N SER A 354 -16.61 7.40 -12.67
CA SER A 354 -17.62 6.89 -13.56
C SER A 354 -17.66 5.37 -13.54
N ARG A 355 -16.62 4.74 -13.02
CA ARG A 355 -16.65 3.31 -12.83
C ARG A 355 -17.18 2.86 -11.44
N LEU A 356 -17.41 3.82 -10.55
CA LEU A 356 -17.59 3.49 -9.17
C LEU A 356 -18.99 2.92 -8.81
N GLU A 357 -20.04 3.40 -9.45
CA GLU A 357 -21.39 2.90 -9.16
C GLU A 357 -21.53 1.46 -9.62
N LYS A 358 -21.02 1.15 -10.81
CA LYS A 358 -21.02 -0.26 -11.22
C LYS A 358 -20.11 -1.14 -10.34
N ALA A 359 -18.92 -0.65 -9.99
CA ALA A 359 -18.03 -1.38 -9.05
C ALA A 359 -18.75 -1.68 -7.74
N LYS A 360 -19.57 -0.75 -7.22
CA LYS A 360 -20.34 -1.00 -5.99
C LYS A 360 -21.29 -2.17 -6.13
N THR A 361 -22.05 -2.20 -7.23
CA THR A 361 -22.92 -3.33 -7.52
C THR A 361 -22.15 -4.66 -7.49
N ILE A 362 -21.06 -4.69 -8.25
CA ILE A 362 -20.21 -5.87 -8.33
C ILE A 362 -19.66 -6.22 -6.94
N ALA A 363 -19.28 -5.20 -6.15
CA ALA A 363 -18.55 -5.45 -4.92
C ALA A 363 -19.34 -6.33 -3.95
N TRP A 364 -20.64 -6.02 -3.77
CA TRP A 364 -21.49 -6.82 -2.90
C TRP A 364 -21.58 -8.30 -3.25
N LYS A 365 -21.18 -8.66 -4.48
CA LYS A 365 -21.22 -10.03 -4.92
C LYS A 365 -19.86 -10.73 -4.85
N LEU A 366 -18.82 -9.99 -4.52
CA LEU A 366 -17.48 -10.52 -4.41
C LEU A 366 -17.14 -11.09 -3.00
N VAL A 367 -18.09 -10.93 -2.09
CA VAL A 367 -17.84 -11.36 -0.72
C VAL A 367 -19.10 -11.83 -0.06
N GLU A 368 -18.91 -12.68 0.95
CA GLU A 368 -19.96 -13.05 1.85
C GLU A 368 -19.71 -12.33 3.14
N PRO A 369 -20.60 -11.39 3.46
CA PRO A 369 -20.45 -10.58 4.67
C PRO A 369 -20.78 -11.49 5.86
N PRO A 370 -20.18 -11.23 7.01
CA PRO A 370 -20.53 -12.03 8.18
C PRO A 370 -21.98 -11.77 8.64
N ARG A 371 -22.67 -12.80 9.14
CA ARG A 371 -24.00 -12.72 9.77
C ARG A 371 -24.13 -11.73 10.92
N PHE A 372 -23.10 -11.54 11.78
CA PHE A 372 -23.18 -10.59 12.90
C PHE A 372 -21.79 -9.99 13.17
#